data_7LAH
#
_entry.id   7LAH
#
_cell.length_a   55.870
_cell.length_b   80.670
_cell.length_c   47.680
_cell.angle_alpha   90.000
_cell.angle_beta   137.530
_cell.angle_gamma   90.000
#
_symmetry.space_group_name_H-M   'C 1 2 1'
#
loop_
_entity.id
_entity.type
_entity.pdbx_description
1 polymer 'Bromodomain-containing protein 2'
2 non-polymer Bromosporine
3 non-polymer 'PHOSPHATE ION'
4 water water
#
_entity_poly.entity_id   1
_entity_poly.type   'polypeptide(L)'
_entity_poly.pdbx_seq_one_letter_code
;GRVTNQLQYLHKVVMKALWKHQFAWPFRQPVDAVKLGLPDYHKIIKQPMDMGTIKRRLENNYYWAASECMQDFNTMFTNC
YIYNKPTDDIVLMAQTLEKIFLQKVASMPQEEQELVVTIPKN
;
_entity_poly.pdbx_strand_id   A
#
# COMPACT_ATOMS: atom_id res chain seq x y z
N GLY A 1 -8.77 7.73 12.92
CA GLY A 1 -8.32 6.34 12.96
C GLY A 1 -7.72 6.00 14.31
N ARG A 2 -6.93 4.93 14.35
CA ARG A 2 -6.35 4.52 15.61
C ARG A 2 -5.04 3.77 15.34
N VAL A 3 -4.32 3.52 16.43
CA VAL A 3 -3.04 2.82 16.41
C VAL A 3 -3.31 1.39 16.88
N THR A 4 -3.04 0.41 16.03
CA THR A 4 -3.17 -0.98 16.46
C THR A 4 -1.87 -1.72 16.19
N ASN A 5 -1.76 -2.89 16.82
CA ASN A 5 -0.56 -3.71 16.62
C ASN A 5 -0.41 -4.06 15.14
N GLN A 6 -1.51 -4.37 14.46
CA GLN A 6 -1.40 -4.75 13.06
C GLN A 6 -1.04 -3.57 12.17
N LEU A 7 -1.66 -2.40 12.40
CA LEU A 7 -1.32 -1.20 11.62
C LEU A 7 0.11 -0.75 11.88
N GLN A 8 0.55 -0.80 13.13
CA GLN A 8 1.93 -0.52 13.44
C GLN A 8 2.88 -1.45 12.70
N TYR A 9 2.51 -2.73 12.61
CA TYR A 9 3.29 -3.70 11.83
C TYR A 9 3.30 -3.32 10.35
N LEU A 10 2.12 -2.98 9.81
CA LEU A 10 2.06 -2.58 8.40
C LEU A 10 2.93 -1.35 8.15
N HIS A 11 3.04 -0.45 9.12
CA HIS A 11 3.84 0.75 8.96
C HIS A 11 5.33 0.47 9.12
N LYS A 12 5.72 -0.11 10.26
CA LYS A 12 7.11 -0.22 10.65
C LYS A 12 7.81 -1.47 10.13
N VAL A 13 7.08 -2.46 9.62
CA VAL A 13 7.67 -3.65 9.02
C VAL A 13 7.39 -3.69 7.52
N VAL A 14 6.12 -3.67 7.13
CA VAL A 14 5.76 -3.91 5.74
C VAL A 14 6.13 -2.71 4.87
N MET A 15 5.61 -1.53 5.22
CA MET A 15 5.91 -0.34 4.42
C MET A 15 7.39 0.00 4.49
N LYS A 16 8.04 -0.25 5.63
CA LYS A 16 9.47 0.04 5.71
C LYS A 16 10.24 -0.76 4.67
N ALA A 17 9.87 -2.02 4.48
CA ALA A 17 10.56 -2.85 3.51
C ALA A 17 10.21 -2.45 2.08
N LEU A 18 8.93 -2.17 1.83
CA LEU A 18 8.53 -1.87 0.45
C LEU A 18 9.01 -0.50 0.03
N TRP A 19 8.97 0.48 0.93
CA TRP A 19 9.31 1.85 0.55
C TRP A 19 10.75 1.95 0.04
N LYS A 20 11.66 1.19 0.63
CA LYS A 20 13.07 1.31 0.30
C LYS A 20 13.52 0.33 -0.78
N HIS A 21 12.62 -0.50 -1.28
CA HIS A 21 12.97 -1.49 -2.30
C HIS A 21 13.38 -0.81 -3.59
N GLN A 22 14.30 -1.44 -4.31
CA GLN A 22 14.78 -0.92 -5.59
C GLN A 22 13.66 -0.70 -6.60
N PHE A 23 12.56 -1.45 -6.50
CA PHE A 23 11.46 -1.35 -7.45
C PHE A 23 10.37 -0.39 -7.00
N ALA A 24 10.56 0.33 -5.90
CA ALA A 24 9.48 1.10 -5.29
C ALA A 24 9.15 2.39 -6.03
N TRP A 25 10.11 2.97 -6.77
CA TRP A 25 9.97 4.38 -7.16
C TRP A 25 8.70 4.70 -7.95
N PRO A 26 8.21 3.87 -8.89
CA PRO A 26 6.99 4.26 -9.62
C PRO A 26 5.77 4.27 -8.74
N PHE A 27 5.88 3.70 -7.54
CA PHE A 27 4.74 3.56 -6.65
C PHE A 27 4.83 4.50 -5.46
N ARG A 28 5.84 5.38 -5.41
CA ARG A 28 6.06 6.21 -4.23
C ARG A 28 5.18 7.44 -4.21
N GLN A 29 4.54 7.78 -5.31
CA GLN A 29 3.60 8.89 -5.35
C GLN A 29 2.55 8.55 -6.39
N PRO A 30 1.44 9.29 -6.42
CA PRO A 30 0.37 8.94 -7.37
C PRO A 30 0.88 8.98 -8.81
N VAL A 31 0.33 8.09 -9.64
CA VAL A 31 0.54 8.23 -11.07
C VAL A 31 0.10 9.62 -11.49
N ASP A 32 1.00 10.36 -12.15
CA ASP A 32 0.71 11.72 -12.60
C ASP A 32 0.30 11.64 -14.07
N ALA A 33 -0.99 11.36 -14.27
CA ALA A 33 -1.49 11.13 -15.62
C ALA A 33 -1.33 12.35 -16.52
N VAL A 34 -1.35 13.55 -15.95
CA VAL A 34 -1.20 14.75 -16.76
C VAL A 34 0.24 14.88 -17.27
N LYS A 35 1.21 14.75 -16.38
CA LYS A 35 2.61 14.83 -16.78
C LYS A 35 3.01 13.65 -17.67
N LEU A 36 2.36 12.50 -17.51
CA LEU A 36 2.68 11.31 -18.28
C LEU A 36 1.95 11.22 -19.61
N GLY A 37 1.03 12.13 -19.88
CA GLY A 37 0.31 12.09 -21.15
C GLY A 37 -0.63 10.91 -21.28
N LEU A 38 -1.30 10.52 -20.18
CA LEU A 38 -2.17 9.34 -20.12
C LEU A 38 -3.59 9.77 -19.79
N PRO A 39 -4.32 10.32 -20.76
CA PRO A 39 -5.69 10.79 -20.49
C PRO A 39 -6.65 9.67 -20.14
N ASP A 40 -6.31 8.42 -20.43
CA ASP A 40 -7.20 7.31 -20.10
C ASP A 40 -6.90 6.69 -18.74
N TYR A 41 -5.84 7.12 -18.06
CA TYR A 41 -5.50 6.47 -16.79
C TYR A 41 -6.65 6.56 -15.80
N HIS A 42 -7.25 7.74 -15.65
CA HIS A 42 -8.31 7.87 -14.65
C HIS A 42 -9.66 7.39 -15.15
N LYS A 43 -9.79 7.14 -16.46
CA LYS A 43 -10.99 6.48 -16.96
C LYS A 43 -10.96 4.98 -16.68
N ILE A 44 -9.79 4.37 -16.67
CA ILE A 44 -9.64 2.93 -16.45
C ILE A 44 -9.47 2.61 -14.96
N ILE A 45 -8.69 3.43 -14.26
CA ILE A 45 -8.36 3.22 -12.86
C ILE A 45 -9.23 4.16 -12.04
N LYS A 46 -10.27 3.62 -11.41
CA LYS A 46 -11.23 4.46 -10.73
C LYS A 46 -10.84 4.78 -9.29
N GLN A 47 -9.97 3.98 -8.68
CA GLN A 47 -9.44 4.26 -7.35
C GLN A 47 -7.91 4.22 -7.38
N PRO A 48 -7.27 5.34 -7.74
CA PRO A 48 -5.82 5.38 -7.70
C PRO A 48 -5.31 5.19 -6.27
N MET A 49 -4.15 4.55 -6.16
CA MET A 49 -3.51 4.37 -4.87
C MET A 49 -2.01 4.19 -5.06
N ASP A 50 -1.25 4.62 -4.07
CA ASP A 50 0.20 4.58 -4.15
C ASP A 50 0.75 4.51 -2.73
N MET A 51 2.04 4.17 -2.62
CA MET A 51 2.64 3.99 -1.31
C MET A 51 2.85 5.30 -0.57
N GLY A 52 3.09 6.41 -1.28
CA GLY A 52 3.16 7.69 -0.60
C GLY A 52 1.88 8.01 0.14
N THR A 53 0.74 7.76 -0.50
CA THR A 53 -0.54 7.97 0.15
C THR A 53 -0.73 7.04 1.35
N ILE A 54 -0.44 5.75 1.17
CA ILE A 54 -0.58 4.79 2.27
C ILE A 54 0.34 5.18 3.42
N LYS A 55 1.58 5.56 3.11
CA LYS A 55 2.55 5.92 4.14
C LYS A 55 2.08 7.12 4.95
N ARG A 56 1.60 8.16 4.25
CA ARG A 56 1.07 9.33 4.95
C ARG A 56 -0.13 8.96 5.81
N ARG A 57 -1.00 8.07 5.30
CA ARG A 57 -2.16 7.64 6.07
C ARG A 57 -1.73 6.91 7.33
N LEU A 58 -0.71 6.06 7.23
CA LEU A 58 -0.22 5.35 8.40
C LEU A 58 0.43 6.33 9.38
N GLU A 59 1.17 7.31 8.85
CA GLU A 59 1.80 8.30 9.73
C GLU A 59 0.77 9.16 10.45
N ASN A 60 -0.38 9.40 9.83
CA ASN A 60 -1.41 10.28 10.37
C ASN A 60 -2.52 9.51 11.09
N ASN A 61 -2.34 8.22 11.33
CA ASN A 61 -3.35 7.39 11.97
C ASN A 61 -4.70 7.53 11.27
N TYR A 62 -4.66 7.49 9.95
CA TYR A 62 -5.88 7.60 9.14
C TYR A 62 -6.74 6.35 9.25
N TYR A 63 -6.12 5.18 9.41
CA TYR A 63 -6.83 3.92 9.33
C TYR A 63 -7.43 3.54 10.68
N TRP A 64 -8.60 2.90 10.63
CA TRP A 64 -9.16 2.29 11.83
C TRP A 64 -8.85 0.80 11.94
N ALA A 65 -8.45 0.16 10.84
CA ALA A 65 -8.23 -1.28 10.84
C ALA A 65 -7.16 -1.64 9.83
N ALA A 66 -6.30 -2.59 10.19
CA ALA A 66 -5.25 -3.04 9.27
C ALA A 66 -5.83 -3.49 7.93
N SER A 67 -7.03 -4.09 7.94
CA SER A 67 -7.60 -4.58 6.70
C SER A 67 -7.82 -3.46 5.69
N GLU A 68 -8.13 -2.25 6.16
CA GLU A 68 -8.29 -1.11 5.24
C GLU A 68 -6.96 -0.77 4.57
N CYS A 69 -5.88 -0.79 5.32
CA CYS A 69 -4.56 -0.53 4.77
C CYS A 69 -4.15 -1.63 3.81
N MET A 70 -4.39 -2.90 4.18
CA MET A 70 -4.08 -4.01 3.29
C MET A 70 -4.83 -3.87 1.97
N GLN A 71 -6.09 -3.44 2.03
CA GLN A 71 -6.83 -3.26 0.77
C GLN A 71 -6.24 -2.14 -0.07
N ASP A 72 -5.69 -1.10 0.57
CA ASP A 72 -5.05 -0.03 -0.21
C ASP A 72 -3.82 -0.55 -0.93
N PHE A 73 -2.98 -1.34 -0.24
CA PHE A 73 -1.86 -1.98 -0.94
C PHE A 73 -2.36 -2.81 -2.11
N ASN A 74 -3.41 -3.61 -1.88
CA ASN A 74 -3.90 -4.47 -2.93
C ASN A 74 -4.40 -3.66 -4.12
N THR A 75 -5.11 -2.58 -3.84
CA THR A 75 -5.61 -1.73 -4.92
C THR A 75 -4.47 -1.14 -5.72
N MET A 76 -3.39 -0.71 -5.05
CA MET A 76 -2.23 -0.18 -5.78
C MET A 76 -1.68 -1.21 -6.75
N PHE A 77 -1.51 -2.45 -6.28
CA PHE A 77 -0.94 -3.49 -7.13
C PHE A 77 -1.90 -3.84 -8.26
N THR A 78 -3.19 -4.03 -7.94
CA THR A 78 -4.16 -4.43 -8.95
CA THR A 78 -4.15 -4.44 -8.95
C THR A 78 -4.33 -3.35 -10.02
N ASN A 79 -4.32 -2.07 -9.61
CA ASN A 79 -4.36 -1.00 -10.60
C ASN A 79 -3.27 -1.18 -11.65
N CYS A 80 -2.06 -1.51 -11.20
CA CYS A 80 -0.93 -1.67 -12.12
C CYS A 80 -1.16 -2.83 -13.09
N TYR A 81 -1.62 -3.98 -12.58
CA TYR A 81 -1.87 -5.11 -13.46
C TYR A 81 -2.99 -4.83 -14.44
N ILE A 82 -3.98 -4.05 -14.03
CA ILE A 82 -5.13 -3.82 -14.89
C ILE A 82 -4.81 -2.82 -15.98
N TYR A 83 -4.02 -1.79 -15.67
CA TYR A 83 -3.76 -0.75 -16.65
C TYR A 83 -2.70 -1.13 -17.68
N ASN A 84 -1.69 -1.90 -17.28
CA ASN A 84 -0.52 -2.10 -18.13
C ASN A 84 -0.62 -3.42 -18.88
N LYS A 85 0.42 -3.69 -19.71
CA LYS A 85 0.44 -4.88 -20.54
C LYS A 85 1.21 -5.98 -19.84
N PRO A 86 0.83 -7.24 -20.09
CA PRO A 86 1.40 -8.38 -19.34
C PRO A 86 2.92 -8.45 -19.32
N THR A 87 3.60 -8.00 -20.37
CA THR A 87 5.04 -8.19 -20.47
C THR A 87 5.84 -6.98 -20.00
N ASP A 88 5.17 -5.89 -19.60
CA ASP A 88 5.88 -4.70 -19.16
C ASP A 88 6.68 -5.00 -17.89
N ASP A 89 7.88 -4.40 -17.80
CA ASP A 89 8.68 -4.58 -16.59
C ASP A 89 7.95 -4.07 -15.34
N ILE A 90 7.14 -3.02 -15.47
CA ILE A 90 6.46 -2.48 -14.29
C ILE A 90 5.54 -3.52 -13.66
N VAL A 91 4.97 -4.40 -14.48
CA VAL A 91 4.15 -5.48 -13.92
C VAL A 91 5.02 -6.43 -13.11
N LEU A 92 6.21 -6.77 -13.63
CA LEU A 92 7.13 -7.63 -12.89
C LEU A 92 7.59 -6.95 -11.60
N MET A 93 7.75 -5.63 -11.64
CA MET A 93 8.14 -4.92 -10.44
C MET A 93 7.02 -4.93 -9.42
N ALA A 94 5.80 -4.63 -9.85
CA ALA A 94 4.64 -4.76 -8.96
C ALA A 94 4.55 -6.16 -8.38
N GLN A 95 4.77 -7.19 -9.21
CA GLN A 95 4.68 -8.56 -8.71
C GLN A 95 5.74 -8.84 -7.67
N THR A 96 6.96 -8.31 -7.89
CA THR A 96 8.02 -8.53 -6.92
C THR A 96 7.70 -7.85 -5.60
N LEU A 97 7.20 -6.62 -5.66
CA LEU A 97 6.81 -5.92 -4.43
C LEU A 97 5.65 -6.63 -3.75
N GLU A 98 4.67 -7.10 -4.53
CA GLU A 98 3.52 -7.74 -3.93
C GLU A 98 3.90 -9.04 -3.23
N LYS A 99 4.85 -9.78 -3.80
CA LYS A 99 5.32 -11.00 -3.14
C LYS A 99 5.93 -10.69 -1.78
N ILE A 100 6.69 -9.60 -1.69
CA ILE A 100 7.25 -9.20 -0.39
C ILE A 100 6.14 -8.76 0.56
N PHE A 101 5.19 -7.98 0.06
CA PHE A 101 4.03 -7.60 0.86
C PHE A 101 3.38 -8.82 1.49
N LEU A 102 3.10 -9.85 0.69
CA LEU A 102 2.45 -11.05 1.23
C LEU A 102 3.37 -11.79 2.20
N GLN A 103 4.65 -11.89 1.88
CA GLN A 103 5.59 -12.57 2.78
C GLN A 103 5.63 -11.90 4.14
N LYS A 104 5.63 -10.57 4.18
CA LYS A 104 5.67 -9.85 5.45
C LYS A 104 4.32 -9.91 6.15
N VAL A 105 3.22 -9.85 5.40
CA VAL A 105 1.89 -9.92 6.00
C VAL A 105 1.68 -11.25 6.71
N ALA A 106 2.38 -12.30 6.28
CA ALA A 106 2.22 -13.61 6.89
C ALA A 106 2.70 -13.63 8.34
N SER A 107 3.55 -12.68 8.73
CA SER A 107 4.03 -12.61 10.10
C SER A 107 3.41 -11.46 10.88
N MET A 108 2.33 -10.87 10.37
CA MET A 108 1.63 -9.82 11.10
C MET A 108 0.96 -10.41 12.35
N PRO A 109 0.85 -9.61 13.43
CA PRO A 109 0.10 -10.07 14.61
C PRO A 109 -1.28 -10.60 14.22
N GLN A 110 -1.72 -11.63 14.95
CA GLN A 110 -2.94 -12.34 14.59
C GLN A 110 -4.21 -11.57 14.97
N GLU A 111 -4.24 -10.98 16.16
CA GLU A 111 -5.42 -10.28 16.68
C GLU A 111 -5.16 -8.78 16.66
N GLU A 112 -6.13 -8.02 16.16
CA GLU A 112 -5.99 -6.56 16.10
C GLU A 112 -6.30 -5.99 17.47
N GLN A 113 -5.28 -5.39 18.08
CA GLN A 113 -5.36 -4.86 19.42
C GLN A 113 -4.89 -3.40 19.42
N GLU A 114 -5.62 -2.56 20.13
CA GLU A 114 -5.19 -1.17 20.24
C GLU A 114 -3.93 -1.09 21.09
N LEU A 115 -2.97 -0.28 20.65
CA LEU A 115 -1.71 -0.12 21.37
C LEU A 115 -1.79 0.99 22.41
N VAL A 116 -2.57 2.02 22.14
CA VAL A 116 -2.73 3.12 23.10
C VAL A 116 -3.52 2.59 24.29
N VAL A 117 -2.84 2.44 25.42
CA VAL A 117 -3.51 2.06 26.66
C VAL A 117 -4.27 3.27 27.18
N THR A 118 -5.52 3.05 27.58
CA THR A 118 -6.33 4.09 28.19
C THR A 118 -6.51 3.77 29.67
N ILE A 119 -6.73 4.82 30.46
CA ILE A 119 -7.05 4.64 31.87
C ILE A 119 -8.17 3.62 31.99
N PRO A 120 -8.02 2.59 32.83
CA PRO A 120 -9.10 1.60 32.98
C PRO A 120 -10.42 2.22 33.40
N LYS A 121 -11.51 1.59 32.89
CA LYS A 121 -12.94 1.95 32.97
C LYS A 121 -13.41 2.59 31.66
#